data_6KJQ
#
_entry.id   6KJQ
#
_cell.length_a   116.240
_cell.length_b   116.240
_cell.length_c   50.250
_cell.angle_alpha   90.000
_cell.angle_beta   90.000
_cell.angle_gamma   90.000
#
_symmetry.space_group_name_H-M   'P 4 21 2'
#
loop_
_entity.id
_entity.type
_entity.pdbx_description
1 polymer 'Putative beta-lactamase'
2 non-polymer (3~{Z},5~{E},8~{S},9~{E},11~{E},14~{S},16~{R},17~{Z},19~{E},24~{R})-24-methyl-8,14,16-tris(oxidanyl)-1-oxacyclotetracosa-3,5,9,11,17,19-hexaen-2-one
3 water water
#
_entity_poly.entity_id   1
_entity_poly.type   'polypeptide(L)'
_entity_poly.pdbx_seq_one_letter_code
;MGSSHHHHHHSSGLVPRGSHMKQTISNPAFDMKQINALNGHYQTMIDNGDLQCASYMMSRGGEVFAAESLGEFTGGQKEK
QTFQLDTIREIGALTAVFTAVAVMQLVEKGLLDLKMPVKLILPAFDKPGFGEIKILHLLTHTAGLSFELDIQKAEGIDLT
NEEEWINYLVSTPLEYGVDEAWNYSRTGFVILGIIISKVTGVSYEQYVTKHIIEALGLERTYFYVPDTLKEEVCVISEHE
CVQLEKSHHPYFPNKATSGLYSSLRDIWKLAEMFRNKGRLKDKKLLGRKTVEAMLRNQIKPGLPFYFFGAPREEGGFGLG
INLWPAGDHYFMTEGTFSHLGMGWCGMFSDPAEDFTYVFFTPISEFHPHAVLTPLNIVWAGIELEHHHHHH
;
_entity_poly.pdbx_strand_id   A
#
loop_
_chem_comp.id
_chem_comp.type
_chem_comp.name
_chem_comp.formula
D9F non-polymer (3~{Z},5~{E},8~{S},9~{E},11~{E},14~{S},16~{R},17~{Z},19~{E},24~{R})-24-methyl-8,14,16-tris(oxidanyl)-1-oxacyclotetracosa-3,5,9,11,17,19-hexaen-2-one 'C24 H34 O5'
#
# COMPACT_ATOMS: atom_id res chain seq x y z
N ASN A 27 23.03 16.14 12.88
CA ASN A 27 21.71 16.64 12.48
C ASN A 27 20.65 15.52 12.41
N PRO A 28 20.91 14.41 11.70
CA PRO A 28 19.90 13.35 11.65
C PRO A 28 19.95 12.41 12.83
N ALA A 29 21.03 12.41 13.62
CA ALA A 29 21.20 11.52 14.76
C ALA A 29 21.02 10.05 14.36
N PHE A 30 21.92 9.59 13.51
CA PHE A 30 21.87 8.24 12.97
C PHE A 30 23.28 7.68 12.90
N ASP A 31 23.43 6.44 13.34
CA ASP A 31 24.72 5.74 13.29
C ASP A 31 24.96 5.26 11.87
N MET A 32 25.91 5.89 11.17
CA MET A 32 26.18 5.54 9.78
C MET A 32 26.78 4.15 9.63
N LYS A 33 27.23 3.52 10.72
CA LYS A 33 27.69 2.14 10.64
C LYS A 33 26.55 1.20 10.25
N GLN A 34 25.31 1.55 10.63
CA GLN A 34 24.16 0.76 10.22
C GLN A 34 23.80 0.99 8.76
N ILE A 35 24.22 2.12 8.18
CA ILE A 35 24.06 2.30 6.74
C ILE A 35 24.97 1.35 5.98
N ASN A 36 26.21 1.19 6.46
CA ASN A 36 27.11 0.22 5.85
C ASN A 36 26.60 -1.21 6.05
N ALA A 37 26.03 -1.49 7.23
CA ALA A 37 25.46 -2.81 7.46
C ALA A 37 24.24 -3.05 6.59
N LEU A 38 23.41 -2.01 6.40
CA LEU A 38 22.25 -2.13 5.53
C LEU A 38 22.67 -2.36 4.08
N ASN A 39 23.65 -1.60 3.60
CA ASN A 39 24.12 -1.77 2.24
C ASN A 39 24.74 -3.15 2.04
N GLY A 40 25.56 -3.59 2.99
CA GLY A 40 26.14 -4.93 2.89
C GLY A 40 25.10 -6.03 2.98
N HIS A 41 23.98 -5.77 3.67
CA HIS A 41 22.92 -6.76 3.74
C HIS A 41 22.24 -6.92 2.39
N TYR A 42 21.98 -5.81 1.69
CA TYR A 42 21.36 -5.89 0.37
C TYR A 42 22.36 -6.41 -0.66
N GLN A 43 23.61 -5.93 -0.60
CA GLN A 43 24.61 -6.35 -1.58
C GLN A 43 24.94 -7.83 -1.47
N THR A 44 24.91 -8.39 -0.26
CA THR A 44 25.18 -9.81 -0.09
C THR A 44 24.12 -10.66 -0.79
N MET A 45 22.85 -10.31 -0.61
CA MET A 45 21.79 -11.04 -1.30
C MET A 45 21.86 -10.85 -2.81
N ILE A 46 22.33 -9.68 -3.26
CA ILE A 46 22.47 -9.45 -4.69
C ILE A 46 23.61 -10.29 -5.26
N ASP A 47 24.73 -10.36 -4.53
CA ASP A 47 25.86 -11.18 -4.99
C ASP A 47 25.53 -12.65 -4.94
N ASN A 48 24.61 -13.07 -4.08
CA ASN A 48 24.26 -14.47 -3.92
C ASN A 48 23.13 -14.91 -4.85
N GLY A 49 22.58 -14.01 -5.65
CA GLY A 49 21.49 -14.35 -6.53
C GLY A 49 20.11 -14.36 -5.89
N ASP A 50 20.02 -14.12 -4.59
CA ASP A 50 18.73 -14.05 -3.90
C ASP A 50 18.00 -12.74 -4.14
N LEU A 51 18.61 -11.81 -4.86
CA LEU A 51 18.04 -10.47 -5.02
C LEU A 51 18.65 -9.83 -6.26
N GLN A 52 17.82 -9.24 -7.10
CA GLN A 52 18.34 -8.55 -8.29
C GLN A 52 18.77 -7.12 -7.94
N CYS A 53 17.92 -6.37 -7.27
CA CYS A 53 18.21 -4.97 -6.97
C CYS A 53 17.55 -4.60 -5.64
N ALA A 54 17.88 -3.41 -5.15
CA ALA A 54 17.35 -2.90 -3.90
C ALA A 54 17.61 -1.41 -3.83
N SER A 55 16.69 -0.68 -3.22
CA SER A 55 16.83 0.76 -3.03
C SER A 55 16.02 1.18 -1.82
N TYR A 56 16.51 2.18 -1.12
CA TYR A 56 15.84 2.65 0.09
C TYR A 56 16.01 4.16 0.22
N MET A 57 15.34 4.72 1.22
CA MET A 57 15.37 6.17 1.46
C MET A 57 14.86 6.41 2.87
N MET A 58 15.70 7.00 3.72
CA MET A 58 15.33 7.27 5.10
C MET A 58 15.52 8.75 5.41
N SER A 59 14.72 9.25 6.35
CA SER A 59 14.69 10.66 6.67
C SER A 59 14.44 10.86 8.16
N ARG A 60 15.00 11.93 8.70
CA ARG A 60 14.78 12.35 10.08
C ARG A 60 14.27 13.78 10.05
N GLY A 61 13.09 14.00 10.63
CA GLY A 61 12.49 15.33 10.61
C GLY A 61 12.16 15.84 9.23
N GLY A 62 11.85 14.95 8.30
CA GLY A 62 11.54 15.33 6.94
C GLY A 62 12.72 15.58 6.04
N GLU A 63 13.94 15.34 6.51
CA GLU A 63 15.16 15.58 5.74
C GLU A 63 15.81 14.24 5.41
N VAL A 64 15.85 13.90 4.13
CA VAL A 64 16.48 12.65 3.70
C VAL A 64 17.98 12.78 3.88
N PHE A 65 18.55 11.88 4.69
CA PHE A 65 19.98 11.88 4.96
C PHE A 65 20.70 10.67 4.38
N ALA A 66 19.97 9.64 3.95
CA ALA A 66 20.59 8.45 3.38
C ALA A 66 19.66 7.86 2.33
N ALA A 67 20.20 7.65 1.12
CA ALA A 67 19.44 7.05 0.04
C ALA A 67 20.42 6.35 -0.90
N GLU A 68 20.07 5.14 -1.30
CA GLU A 68 20.96 4.31 -2.12
C GLU A 68 20.12 3.36 -2.95
N SER A 69 20.66 3.00 -4.12
CA SER A 69 20.08 1.97 -4.97
C SER A 69 21.19 1.00 -5.36
N LEU A 70 20.91 -0.29 -5.26
CA LEU A 70 21.91 -1.34 -5.47
C LEU A 70 21.48 -2.26 -6.59
N GLY A 71 22.46 -2.74 -7.35
CA GLY A 71 22.23 -3.79 -8.34
C GLY A 71 21.57 -3.30 -9.61
N GLU A 72 21.19 -4.27 -10.43
CA GLU A 72 20.53 -4.05 -11.71
C GLU A 72 19.30 -4.94 -11.81
N PHE A 73 18.58 -4.80 -12.93
CA PHE A 73 17.44 -5.66 -13.20
C PHE A 73 17.42 -6.01 -14.67
N THR A 74 16.86 -7.18 -14.98
CA THR A 74 16.80 -7.68 -16.36
C THR A 74 15.39 -7.43 -16.89
N GLY A 75 15.13 -6.19 -17.25
CA GLY A 75 13.91 -5.81 -17.94
C GLY A 75 14.20 -5.50 -19.38
N GLY A 76 15.45 -5.15 -19.66
CA GLY A 76 15.91 -4.92 -21.01
C GLY A 76 16.71 -6.09 -21.55
N GLN A 77 16.45 -7.28 -21.01
CA GLN A 77 17.14 -8.51 -21.39
C GLN A 77 18.63 -8.31 -21.09
N LYS A 78 19.52 -8.53 -22.06
CA LYS A 78 20.95 -8.28 -21.84
C LYS A 78 21.19 -6.79 -21.63
N GLU A 79 22.44 -6.46 -21.29
CA GLU A 79 22.80 -5.11 -20.87
C GLU A 79 21.89 -4.65 -19.73
N LYS A 80 22.12 -5.26 -18.57
CA LYS A 80 21.22 -5.13 -17.44
C LYS A 80 21.06 -3.67 -17.04
N GLN A 81 19.81 -3.25 -16.88
CA GLN A 81 19.51 -1.86 -16.57
C GLN A 81 19.85 -1.54 -15.13
N THR A 82 20.60 -0.45 -14.92
CA THR A 82 20.96 -0.04 -13.58
C THR A 82 19.72 0.36 -12.79
N PHE A 83 19.64 -0.10 -11.55
CA PHE A 83 18.57 0.31 -10.65
C PHE A 83 18.93 1.64 -10.01
N GLN A 84 18.10 2.64 -10.23
CA GLN A 84 18.35 4.00 -9.76
C GLN A 84 17.30 4.40 -8.73
N LEU A 85 17.52 5.57 -8.13
CA LEU A 85 16.61 6.05 -7.09
C LEU A 85 15.29 6.55 -7.66
N ASP A 86 15.29 7.03 -8.90
CA ASP A 86 14.07 7.50 -9.55
C ASP A 86 13.44 6.43 -10.44
N THR A 87 13.86 5.18 -10.31
CA THR A 87 13.31 4.12 -11.13
C THR A 87 11.86 3.84 -10.75
N ILE A 88 11.01 3.71 -11.75
CA ILE A 88 9.58 3.48 -11.55
C ILE A 88 9.33 1.99 -11.38
N ARG A 89 8.40 1.64 -10.47
CA ARG A 89 8.05 0.26 -10.24
C ARG A 89 6.67 0.21 -9.58
N GLU A 90 5.93 -0.87 -9.87
CA GLU A 90 4.66 -1.10 -9.20
C GLU A 90 4.84 -1.13 -7.68
N ILE A 91 3.85 -0.62 -6.96
CA ILE A 91 3.86 -0.61 -5.51
C ILE A 91 2.90 -1.62 -4.90
N GLY A 92 2.15 -2.34 -5.73
CA GLY A 92 1.30 -3.40 -5.21
C GLY A 92 0.21 -2.85 -4.29
N ALA A 93 0.11 -3.45 -3.10
CA ALA A 93 -0.94 -3.09 -2.16
C ALA A 93 -0.74 -1.71 -1.54
N LEU A 94 0.40 -1.06 -1.78
CA LEU A 94 0.53 0.33 -1.37
C LEU A 94 -0.47 1.23 -2.08
N THR A 95 -1.02 0.77 -3.21
CA THR A 95 -2.10 1.48 -3.86
C THR A 95 -3.30 1.64 -2.93
N ALA A 96 -3.54 0.63 -2.09
CA ALA A 96 -4.67 0.70 -1.16
C ALA A 96 -4.52 1.87 -0.19
N VAL A 97 -3.29 2.29 0.10
CA VAL A 97 -3.09 3.46 0.94
C VAL A 97 -3.62 4.71 0.24
N PHE A 98 -3.38 4.81 -1.07
CA PHE A 98 -3.99 5.89 -1.84
C PHE A 98 -5.51 5.82 -1.79
N THR A 99 -6.05 4.60 -1.83
CA THR A 99 -7.50 4.43 -1.75
C THR A 99 -8.03 4.86 -0.39
N ALA A 100 -7.31 4.55 0.68
CA ALA A 100 -7.75 4.95 2.01
C ALA A 100 -7.79 6.46 2.16
N VAL A 101 -6.80 7.16 1.59
CA VAL A 101 -6.80 8.62 1.63
C VAL A 101 -8.00 9.18 0.90
N ALA A 102 -8.33 8.62 -0.26
CA ALA A 102 -9.46 9.11 -1.04
C ALA A 102 -10.78 8.92 -0.29
N VAL A 103 -10.95 7.78 0.37
CA VAL A 103 -12.17 7.54 1.15
C VAL A 103 -12.30 8.55 2.28
N MET A 104 -11.20 8.80 2.99
CA MET A 104 -11.24 9.73 4.10
C MET A 104 -11.39 11.18 3.63
N GLN A 105 -10.93 11.47 2.41
CA GLN A 105 -11.19 12.79 1.84
C GLN A 105 -12.68 13.01 1.62
N LEU A 106 -13.39 11.96 1.16
CA LEU A 106 -14.83 12.08 0.96
C LEU A 106 -15.57 12.18 2.27
N VAL A 107 -15.04 11.59 3.35
CA VAL A 107 -15.64 11.78 4.66
C VAL A 107 -15.46 13.22 5.11
N GLU A 108 -14.30 13.82 4.82
CA GLU A 108 -14.07 15.22 5.18
C GLU A 108 -15.05 16.14 4.47
N LYS A 109 -15.44 15.81 3.25
CA LYS A 109 -16.36 16.62 2.47
C LYS A 109 -17.82 16.33 2.78
N GLY A 110 -18.10 15.33 3.62
CA GLY A 110 -19.47 14.97 3.94
C GLY A 110 -20.15 14.07 2.94
N LEU A 111 -19.43 13.58 1.92
CA LEU A 111 -20.02 12.71 0.92
C LEU A 111 -20.11 11.26 1.37
N LEU A 112 -19.29 10.86 2.34
CA LEU A 112 -19.29 9.50 2.84
C LEU A 112 -19.23 9.50 4.36
N ASP A 113 -19.73 8.43 4.96
CA ASP A 113 -19.58 8.16 6.38
C ASP A 113 -19.19 6.71 6.56
N LEU A 114 -18.22 6.46 7.44
CA LEU A 114 -17.68 5.11 7.59
C LEU A 114 -18.72 4.14 8.13
N LYS A 115 -19.78 4.63 8.76
CA LYS A 115 -20.86 3.77 9.26
C LYS A 115 -21.93 3.50 8.20
N MET A 116 -21.76 4.02 6.98
CA MET A 116 -22.72 3.76 5.92
C MET A 116 -22.66 2.30 5.52
N PRO A 117 -23.79 1.58 5.52
CA PRO A 117 -23.80 0.23 4.96
C PRO A 117 -23.50 0.25 3.48
N VAL A 118 -22.73 -0.74 3.01
CA VAL A 118 -22.35 -0.80 1.61
C VAL A 118 -23.58 -0.99 0.73
N LYS A 119 -24.61 -1.69 1.24
CA LYS A 119 -25.80 -1.95 0.45
C LYS A 119 -26.56 -0.69 0.08
N LEU A 120 -26.36 0.41 0.82
CA LEU A 120 -26.97 1.68 0.44
C LEU A 120 -26.36 2.26 -0.83
N ILE A 121 -25.13 1.87 -1.16
CA ILE A 121 -24.46 2.32 -2.38
C ILE A 121 -24.47 1.24 -3.45
N LEU A 122 -24.19 0.00 -3.07
CA LEU A 122 -24.24 -1.13 -3.99
C LEU A 122 -25.45 -2.00 -3.65
N PRO A 123 -26.55 -1.91 -4.39
CA PRO A 123 -27.75 -2.69 -4.04
C PRO A 123 -27.51 -4.19 -4.04
N ALA A 124 -26.47 -4.69 -4.71
CA ALA A 124 -26.18 -6.11 -4.69
C ALA A 124 -25.78 -6.61 -3.31
N PHE A 125 -25.36 -5.72 -2.42
CA PHE A 125 -25.01 -6.10 -1.06
C PHE A 125 -26.22 -6.23 -0.15
N ASP A 126 -27.42 -5.96 -0.67
CA ASP A 126 -28.66 -6.08 0.11
C ASP A 126 -29.08 -7.55 0.17
N LYS A 127 -28.31 -8.32 0.94
CA LYS A 127 -28.55 -9.74 1.11
C LYS A 127 -27.89 -10.17 2.43
N PRO A 128 -28.28 -11.32 2.97
CA PRO A 128 -27.70 -11.76 4.25
C PRO A 128 -26.17 -11.78 4.22
N GLY A 129 -25.58 -11.40 5.34
CA GLY A 129 -24.13 -11.33 5.45
C GLY A 129 -23.56 -10.04 4.89
N PHE A 130 -23.77 -9.81 3.59
CA PHE A 130 -23.25 -8.61 2.95
C PHE A 130 -24.00 -7.37 3.39
N GLY A 131 -25.26 -7.52 3.81
CA GLY A 131 -26.05 -6.38 4.26
C GLY A 131 -25.56 -5.73 5.53
N GLU A 132 -24.65 -6.38 6.25
CA GLU A 132 -24.07 -5.82 7.47
C GLU A 132 -22.73 -5.14 7.23
N ILE A 133 -22.15 -5.28 6.03
CA ILE A 133 -20.85 -4.69 5.75
C ILE A 133 -21.01 -3.18 5.63
N LYS A 134 -20.26 -2.44 6.45
CA LYS A 134 -20.18 -0.99 6.38
C LYS A 134 -18.84 -0.60 5.79
N ILE A 135 -18.73 0.67 5.39
CA ILE A 135 -17.49 1.17 4.82
C ILE A 135 -16.34 1.04 5.80
N LEU A 136 -16.63 1.19 7.10
CA LEU A 136 -15.59 1.05 8.11
C LEU A 136 -14.99 -0.35 8.10
N HIS A 137 -15.81 -1.36 7.85
CA HIS A 137 -15.30 -2.73 7.82
C HIS A 137 -14.33 -2.94 6.66
N LEU A 138 -14.60 -2.32 5.51
CA LEU A 138 -13.70 -2.46 4.37
C LEU A 138 -12.37 -1.77 4.63
N LEU A 139 -12.40 -0.62 5.31
CA LEU A 139 -11.17 0.11 5.58
C LEU A 139 -10.27 -0.62 6.56
N THR A 140 -10.85 -1.47 7.42
CA THR A 140 -10.10 -2.14 8.47
C THR A 140 -9.99 -3.64 8.26
N HIS A 141 -10.40 -4.14 7.09
CA HIS A 141 -10.31 -5.57 6.76
C HIS A 141 -11.07 -6.43 7.76
N THR A 142 -12.21 -5.92 8.24
CA THR A 142 -13.05 -6.65 9.19
C THR A 142 -14.42 -6.98 8.59
N ALA A 143 -14.57 -6.86 7.27
CA ALA A 143 -15.83 -7.17 6.62
C ALA A 143 -16.05 -8.67 6.41
N GLY A 144 -15.10 -9.50 6.83
CA GLY A 144 -15.22 -10.94 6.65
C GLY A 144 -14.89 -11.44 5.26
N LEU A 145 -14.45 -10.56 4.36
CA LEU A 145 -14.12 -10.97 3.00
C LEU A 145 -12.85 -11.80 2.98
N SER A 146 -12.79 -12.74 2.04
CA SER A 146 -11.57 -13.52 1.84
C SER A 146 -10.50 -12.64 1.18
N PHE A 147 -9.29 -13.20 1.08
CA PHE A 147 -8.18 -12.45 0.53
C PHE A 147 -8.42 -12.08 -0.93
N GLU A 148 -9.02 -12.99 -1.70
CA GLU A 148 -9.21 -12.77 -3.13
C GLU A 148 -10.45 -13.52 -3.59
N LEU A 149 -10.79 -13.34 -4.86
CA LEU A 149 -11.88 -14.05 -5.52
C LEU A 149 -11.32 -15.11 -6.46
N ASP A 150 -12.10 -16.17 -6.67
CA ASP A 150 -11.73 -17.21 -7.61
C ASP A 150 -11.91 -16.69 -9.03
N ILE A 151 -10.81 -16.46 -9.73
CA ILE A 151 -10.88 -15.91 -11.09
C ILE A 151 -11.26 -17.00 -12.09
N GLN A 152 -10.63 -18.17 -11.99
CA GLN A 152 -10.87 -19.25 -12.93
C GLN A 152 -12.25 -19.87 -12.79
N LYS A 153 -13.01 -19.52 -11.75
CA LYS A 153 -14.35 -20.04 -11.54
C LYS A 153 -15.44 -19.07 -11.96
N ALA A 154 -15.08 -17.97 -12.62
CA ALA A 154 -16.03 -16.96 -13.07
C ALA A 154 -16.09 -16.88 -14.59
N GLU A 155 -16.11 -18.03 -15.24
CA GLU A 155 -16.15 -18.07 -16.70
C GLU A 155 -17.50 -17.58 -17.21
N GLY A 156 -17.46 -16.73 -18.24
CA GLY A 156 -18.66 -16.19 -18.82
C GLY A 156 -19.12 -14.87 -18.24
N ILE A 157 -18.34 -14.25 -17.36
CA ILE A 157 -18.68 -12.97 -16.76
C ILE A 157 -17.54 -11.98 -17.00
N ASP A 158 -17.89 -10.71 -17.08
CA ASP A 158 -16.92 -9.64 -17.33
C ASP A 158 -16.46 -9.09 -15.98
N LEU A 159 -15.28 -9.52 -15.54
CA LEU A 159 -14.71 -9.03 -14.29
C LEU A 159 -14.28 -7.57 -14.38
N THR A 160 -14.18 -7.01 -15.59
CA THR A 160 -13.88 -5.60 -15.73
C THR A 160 -15.10 -4.73 -15.47
N ASN A 161 -16.30 -5.25 -15.73
CA ASN A 161 -17.52 -4.51 -15.45
C ASN A 161 -17.80 -4.49 -13.96
N GLU A 162 -18.18 -3.32 -13.44
CA GLU A 162 -18.38 -3.17 -12.00
C GLU A 162 -19.54 -4.04 -11.52
N GLU A 163 -20.68 -3.97 -12.21
CA GLU A 163 -21.89 -4.62 -11.72
C GLU A 163 -21.77 -6.15 -11.78
N GLU A 164 -21.14 -6.67 -12.83
CA GLU A 164 -20.97 -8.11 -12.93
C GLU A 164 -19.89 -8.63 -12.00
N TRP A 165 -18.91 -7.78 -11.65
CA TRP A 165 -17.90 -8.19 -10.68
C TRP A 165 -18.47 -8.26 -9.27
N ILE A 166 -19.36 -7.32 -8.93
CA ILE A 166 -19.96 -7.32 -7.59
C ILE A 166 -20.93 -8.48 -7.44
N ASN A 167 -21.71 -8.77 -8.49
CA ASN A 167 -22.68 -9.86 -8.41
C ASN A 167 -21.99 -11.21 -8.26
N TYR A 168 -20.82 -11.39 -8.88
CA TYR A 168 -20.05 -12.60 -8.66
C TYR A 168 -19.41 -12.60 -7.28
N LEU A 169 -19.13 -11.41 -6.73
CA LEU A 169 -18.52 -11.32 -5.40
C LEU A 169 -19.53 -11.71 -4.33
N VAL A 170 -20.75 -11.18 -4.41
CA VAL A 170 -21.79 -11.59 -3.47
C VAL A 170 -22.33 -12.98 -3.76
N SER A 171 -21.96 -13.56 -4.92
CA SER A 171 -22.23 -14.96 -5.17
C SER A 171 -21.29 -15.87 -4.39
N THR A 172 -20.17 -15.35 -3.90
CA THR A 172 -19.13 -15.97 -3.09
C THR A 172 -19.49 -15.92 -1.61
N PRO A 173 -19.32 -17.03 -0.91
CA PRO A 173 -19.59 -17.03 0.53
C PRO A 173 -18.62 -16.11 1.28
N LEU A 174 -19.16 -15.37 2.24
CA LEU A 174 -18.32 -14.61 3.14
C LEU A 174 -17.51 -15.55 4.03
N GLU A 175 -16.26 -15.18 4.29
CA GLU A 175 -15.37 -16.07 5.02
C GLU A 175 -15.62 -15.99 6.53
N TYR A 176 -15.77 -14.79 7.07
CA TYR A 176 -16.12 -14.58 8.46
C TYR A 176 -17.27 -13.59 8.54
N GLY A 177 -17.89 -13.52 9.71
CA GLY A 177 -18.86 -12.48 9.97
C GLY A 177 -18.20 -11.12 10.10
N VAL A 178 -19.02 -10.08 10.02
CA VAL A 178 -18.50 -8.72 10.15
C VAL A 178 -18.02 -8.51 11.57
N ASP A 179 -16.90 -7.81 11.72
CA ASP A 179 -16.28 -7.51 13.01
C ASP A 179 -15.97 -8.77 13.80
N GLU A 180 -15.69 -9.88 13.11
CA GLU A 180 -15.37 -11.14 13.77
C GLU A 180 -13.94 -11.58 13.60
N ALA A 181 -13.20 -11.01 12.65
CA ALA A 181 -11.80 -11.36 12.43
C ALA A 181 -11.18 -10.32 11.51
N TRP A 182 -9.88 -10.11 11.70
CA TRP A 182 -9.09 -9.29 10.78
C TRP A 182 -8.49 -10.20 9.71
N ASN A 183 -8.84 -9.95 8.46
CA ASN A 183 -8.34 -10.74 7.34
C ASN A 183 -8.09 -9.79 6.18
N TYR A 184 -6.84 -9.64 5.78
CA TYR A 184 -6.50 -8.72 4.69
C TYR A 184 -7.18 -9.18 3.40
N SER A 185 -7.91 -8.27 2.78
CA SER A 185 -8.68 -8.58 1.58
C SER A 185 -8.34 -7.57 0.50
N ARG A 186 -7.86 -8.06 -0.65
CA ARG A 186 -7.67 -7.19 -1.80
C ARG A 186 -9.01 -6.70 -2.35
N THR A 187 -10.01 -7.58 -2.35
CA THR A 187 -11.31 -7.22 -2.91
C THR A 187 -12.00 -6.15 -2.09
N GLY A 188 -11.72 -6.07 -0.79
CA GLY A 188 -12.37 -5.09 0.05
C GLY A 188 -12.09 -3.67 -0.40
N PHE A 189 -10.87 -3.41 -0.85
CA PHE A 189 -10.51 -2.06 -1.31
C PHE A 189 -10.89 -1.81 -2.76
N VAL A 190 -11.06 -2.87 -3.56
CA VAL A 190 -11.67 -2.69 -4.88
C VAL A 190 -13.11 -2.21 -4.73
N ILE A 191 -13.80 -2.71 -3.71
CA ILE A 191 -15.15 -2.22 -3.42
C ILE A 191 -15.12 -0.75 -3.03
N LEU A 192 -14.12 -0.36 -2.22
CA LEU A 192 -14.00 1.04 -1.84
C LEU A 192 -13.76 1.92 -3.06
N GLY A 193 -12.95 1.44 -4.01
CA GLY A 193 -12.75 2.20 -5.24
C GLY A 193 -14.02 2.34 -6.05
N ILE A 194 -14.86 1.30 -6.06
CA ILE A 194 -16.16 1.40 -6.70
C ILE A 194 -17.03 2.43 -5.98
N ILE A 195 -17.02 2.39 -4.65
CA ILE A 195 -17.80 3.36 -3.87
C ILE A 195 -17.34 4.77 -4.14
N ILE A 196 -16.02 4.98 -4.22
CA ILE A 196 -15.47 6.29 -4.56
C ILE A 196 -16.03 6.75 -5.90
N SER A 197 -16.14 5.83 -6.86
CA SER A 197 -16.58 6.21 -8.19
C SER A 197 -18.07 6.52 -8.22
N LYS A 198 -18.87 5.81 -7.43
CA LYS A 198 -20.32 5.98 -7.48
C LYS A 198 -20.77 7.26 -6.79
N VAL A 199 -20.05 7.72 -5.77
CA VAL A 199 -20.45 8.90 -5.01
C VAL A 199 -19.88 10.17 -5.64
N THR A 200 -18.65 10.14 -6.15
CA THR A 200 -18.03 11.31 -6.74
C THR A 200 -18.50 11.57 -8.17
N GLY A 201 -19.00 10.55 -8.87
CA GLY A 201 -19.38 10.71 -10.25
C GLY A 201 -18.25 10.61 -11.24
N VAL A 202 -17.00 10.49 -10.78
CA VAL A 202 -15.85 10.32 -11.65
C VAL A 202 -15.22 8.97 -11.35
N SER A 203 -14.42 8.48 -12.29
CA SER A 203 -13.75 7.20 -12.11
C SER A 203 -12.77 7.27 -10.94
N TYR A 204 -12.51 6.11 -10.34
CA TYR A 204 -11.59 6.05 -9.21
C TYR A 204 -10.22 6.58 -9.59
N GLU A 205 -9.69 6.14 -10.73
CA GLU A 205 -8.37 6.60 -11.16
C GLU A 205 -8.36 8.09 -11.45
N GLN A 206 -9.48 8.64 -11.91
CA GLN A 206 -9.56 10.09 -12.13
C GLN A 206 -9.49 10.85 -10.82
N TYR A 207 -10.16 10.34 -9.78
CA TYR A 207 -10.18 11.04 -8.50
C TYR A 207 -8.81 11.01 -7.84
N VAL A 208 -8.18 9.84 -7.79
CA VAL A 208 -6.89 9.70 -7.11
C VAL A 208 -5.83 10.55 -7.81
N THR A 209 -5.89 10.60 -9.14
CA THR A 209 -4.90 11.39 -9.88
C THR A 209 -5.00 12.87 -9.56
N LYS A 210 -6.23 13.40 -9.51
CA LYS A 210 -6.41 14.83 -9.28
C LYS A 210 -6.24 15.21 -7.81
N HIS A 211 -6.84 14.44 -6.90
CA HIS A 211 -6.94 14.85 -5.50
C HIS A 211 -5.83 14.29 -4.62
N ILE A 212 -4.98 13.39 -5.14
CA ILE A 212 -3.93 12.81 -4.32
C ILE A 212 -2.59 12.90 -5.05
N ILE A 213 -2.52 12.30 -6.24
CA ILE A 213 -1.26 12.26 -6.98
C ILE A 213 -0.80 13.68 -7.32
N GLU A 214 -1.65 14.44 -8.00
CA GLU A 214 -1.29 15.80 -8.37
C GLU A 214 -1.32 16.73 -7.16
N ALA A 215 -2.26 16.52 -6.23
CA ALA A 215 -2.38 17.40 -5.08
C ALA A 215 -1.16 17.31 -4.17
N LEU A 216 -0.60 16.11 -4.01
CA LEU A 216 0.61 15.95 -3.21
C LEU A 216 1.87 16.31 -3.97
N GLY A 217 1.79 16.50 -5.28
CA GLY A 217 2.97 16.82 -6.06
C GLY A 217 3.84 15.62 -6.38
N LEU A 218 3.23 14.46 -6.61
CA LEU A 218 3.99 13.28 -6.97
C LEU A 218 4.47 13.39 -8.40
N GLU A 219 5.79 13.26 -8.60
CA GLU A 219 6.40 13.51 -9.89
C GLU A 219 6.43 12.30 -10.80
N ARG A 220 6.56 11.09 -10.25
CA ARG A 220 6.69 9.88 -11.05
C ARG A 220 5.77 8.78 -10.52
N THR A 221 4.50 9.14 -10.31
CA THR A 221 3.47 8.20 -9.90
C THR A 221 2.37 8.19 -10.94
N TYR A 222 2.05 7.02 -11.47
CA TYR A 222 1.06 6.89 -12.53
C TYR A 222 0.26 5.61 -12.34
N PHE A 223 -1.01 5.67 -12.71
CA PHE A 223 -1.77 4.44 -12.90
C PHE A 223 -1.34 3.75 -14.19
N TYR A 224 -0.90 4.52 -15.18
CA TYR A 224 -0.43 3.98 -16.46
C TYR A 224 0.75 4.83 -16.90
N VAL A 225 1.92 4.20 -17.03
CA VAL A 225 3.16 4.93 -17.32
C VAL A 225 3.13 5.44 -18.75
N PRO A 226 3.43 6.71 -19.00
CA PRO A 226 3.54 7.17 -20.39
C PRO A 226 4.67 6.46 -21.11
N ASP A 227 4.51 6.34 -22.44
CA ASP A 227 5.46 5.57 -23.23
C ASP A 227 6.87 6.15 -23.16
N THR A 228 7.00 7.46 -22.95
CA THR A 228 8.31 8.09 -22.85
C THR A 228 9.08 7.63 -21.62
N LEU A 229 8.39 7.09 -20.60
CA LEU A 229 9.02 6.70 -19.35
C LEU A 229 9.01 5.20 -19.11
N LYS A 230 8.52 4.41 -20.06
CA LYS A 230 8.39 2.96 -19.83
C LYS A 230 9.75 2.27 -19.73
N GLU A 231 10.76 2.79 -20.42
CA GLU A 231 12.09 2.19 -20.33
C GLU A 231 12.78 2.51 -19.00
N GLU A 232 12.20 3.39 -18.19
CA GLU A 232 12.72 3.68 -16.86
C GLU A 232 11.97 2.90 -15.78
N VAL A 233 11.11 1.97 -16.16
CA VAL A 233 10.38 1.14 -15.21
C VAL A 233 11.16 -0.14 -14.97
N CYS A 234 11.36 -0.48 -13.69
CA CYS A 234 12.06 -1.71 -13.35
C CYS A 234 11.11 -2.90 -13.45
N VAL A 235 11.52 -3.89 -14.26
CA VAL A 235 10.73 -5.09 -14.47
C VAL A 235 11.65 -6.28 -14.41
N ILE A 236 11.32 -7.26 -13.56
CA ILE A 236 12.17 -8.43 -13.36
C ILE A 236 11.60 -9.68 -14.00
N SER A 237 10.33 -9.67 -14.40
CA SER A 237 9.73 -10.79 -15.12
C SER A 237 8.89 -10.24 -16.26
N GLU A 238 8.97 -10.90 -17.42
CA GLU A 238 8.20 -10.46 -18.58
C GLU A 238 6.70 -10.49 -18.34
N HIS A 239 6.24 -11.15 -17.26
CA HIS A 239 4.85 -10.99 -16.85
C HIS A 239 4.58 -9.56 -16.42
N GLU A 240 5.58 -8.87 -15.88
CA GLU A 240 5.45 -7.45 -15.56
C GLU A 240 5.71 -6.58 -16.78
N CYS A 241 6.52 -7.07 -17.73
CA CYS A 241 6.79 -6.30 -18.94
C CYS A 241 5.53 -6.16 -19.80
N VAL A 242 4.71 -7.20 -19.84
CA VAL A 242 3.47 -7.12 -20.61
C VAL A 242 2.39 -6.36 -19.84
N GLN A 243 2.41 -6.41 -18.51
CA GLN A 243 1.45 -5.67 -17.72
C GLN A 243 1.71 -4.17 -17.71
N LEU A 244 2.89 -3.74 -18.17
CA LEU A 244 3.20 -2.32 -18.22
C LEU A 244 2.46 -1.63 -19.36
N GLU A 245 2.10 -2.36 -20.40
CA GLU A 245 1.48 -1.80 -21.59
C GLU A 245 -0.05 -1.87 -21.56
N LYS A 246 -0.64 -2.33 -20.46
CA LYS A 246 -2.09 -2.44 -20.36
C LYS A 246 -2.70 -1.16 -19.81
N SER A 247 -3.91 -0.85 -20.27
CA SER A 247 -4.61 0.36 -19.86
C SER A 247 -5.68 0.10 -18.81
N HIS A 248 -5.86 -1.15 -18.39
CA HIS A 248 -6.79 -1.48 -17.32
C HIS A 248 -6.30 -2.70 -16.57
N HIS A 249 -6.79 -2.87 -15.34
CA HIS A 249 -6.41 -4.02 -14.52
C HIS A 249 -6.97 -5.30 -15.13
N PRO A 250 -6.20 -6.39 -15.14
CA PRO A 250 -6.66 -7.59 -15.86
C PRO A 250 -7.84 -8.29 -15.22
N TYR A 251 -7.92 -8.35 -13.89
CA TYR A 251 -8.96 -9.11 -13.22
C TYR A 251 -9.72 -8.30 -12.17
N PHE A 252 -9.54 -6.99 -12.13
CA PHE A 252 -10.29 -6.14 -11.21
C PHE A 252 -10.96 -5.02 -12.00
N PRO A 253 -12.17 -4.62 -11.61
CA PRO A 253 -12.84 -3.51 -12.30
C PRO A 253 -12.15 -2.16 -12.12
N ASN A 254 -11.23 -2.04 -11.17
CA ASN A 254 -10.47 -0.82 -10.98
C ASN A 254 -9.09 -1.16 -10.43
N LYS A 255 -8.25 -0.14 -10.29
CA LYS A 255 -6.92 -0.32 -9.72
C LYS A 255 -6.86 0.27 -8.31
N ALA A 256 -7.84 -0.09 -7.47
CA ALA A 256 -7.95 0.51 -6.14
C ALA A 256 -7.12 -0.21 -5.09
N THR A 257 -6.85 -1.50 -5.27
CA THR A 257 -6.04 -2.25 -4.33
C THR A 257 -4.64 -2.54 -4.83
N SER A 258 -4.40 -2.41 -6.14
CA SER A 258 -3.08 -2.57 -6.74
C SER A 258 -3.15 -2.14 -8.20
N GLY A 259 -2.06 -1.57 -8.68
CA GLY A 259 -1.97 -1.15 -10.07
C GLY A 259 -1.19 0.13 -10.27
N LEU A 260 -0.81 0.79 -9.17
CA LEU A 260 -0.08 2.05 -9.25
C LEU A 260 1.40 1.80 -9.51
N TYR A 261 1.99 2.67 -10.33
CA TYR A 261 3.44 2.75 -10.50
C TYR A 261 3.93 4.00 -9.80
N SER A 262 5.05 3.90 -9.10
CA SER A 262 5.57 5.02 -8.32
C SER A 262 7.07 4.87 -8.16
N SER A 263 7.65 5.69 -7.28
CA SER A 263 9.07 5.67 -7.00
C SER A 263 9.28 5.90 -5.50
N LEU A 264 10.54 5.79 -5.08
CA LEU A 264 10.87 5.97 -3.66
C LEU A 264 10.49 7.36 -3.19
N ARG A 265 10.87 8.39 -3.95
CA ARG A 265 10.62 9.77 -3.55
C ARG A 265 9.13 10.04 -3.35
N ASP A 266 8.29 9.46 -4.22
CA ASP A 266 6.85 9.68 -4.10
C ASP A 266 6.27 8.91 -2.92
N ILE A 267 6.67 7.66 -2.75
CA ILE A 267 6.22 6.88 -1.60
C ILE A 267 6.70 7.54 -0.30
N TRP A 268 7.92 8.08 -0.31
CA TRP A 268 8.41 8.81 0.84
C TRP A 268 7.57 10.05 1.12
N LYS A 269 7.17 10.76 0.07
CA LYS A 269 6.30 11.92 0.26
C LYS A 269 4.96 11.51 0.85
N LEU A 270 4.41 10.38 0.40
CA LEU A 270 3.14 9.91 0.93
C LEU A 270 3.25 9.55 2.41
N ALA A 271 4.34 8.86 2.78
CA ALA A 271 4.54 8.50 4.18
C ALA A 271 4.74 9.73 5.05
N GLU A 272 5.48 10.73 4.54
CA GLU A 272 5.71 11.95 5.30
C GLU A 272 4.43 12.77 5.44
N MET A 273 3.49 12.63 4.50
CA MET A 273 2.21 13.31 4.64
C MET A 273 1.45 12.80 5.86
N PHE A 274 1.46 11.48 6.07
CA PHE A 274 0.82 10.93 7.26
C PHE A 274 1.53 11.35 8.54
N ARG A 275 2.87 11.33 8.53
CA ARG A 275 3.63 11.66 9.72
C ARG A 275 3.40 13.11 10.13
N ASN A 276 3.26 14.00 9.16
CA ASN A 276 2.94 15.40 9.43
C ASN A 276 1.44 15.64 9.56
N LYS A 277 0.65 14.57 9.64
CA LYS A 277 -0.79 14.65 9.91
C LYS A 277 -1.54 15.40 8.81
N GLY A 278 -1.33 14.96 7.56
CA GLY A 278 -2.18 15.33 6.46
C GLY A 278 -1.65 16.38 5.50
N ARG A 279 -0.52 17.01 5.82
N ARG A 279 -0.52 17.00 5.82
CA ARG A 279 0.04 18.03 4.95
CA ARG A 279 0.05 18.04 4.97
C ARG A 279 1.52 17.76 4.71
C ARG A 279 1.52 17.75 4.70
N LEU A 280 2.02 18.29 3.59
CA LEU A 280 3.43 18.17 3.23
C LEU A 280 3.83 19.54 2.67
N LYS A 281 4.57 20.31 3.48
CA LYS A 281 4.90 21.70 3.16
C LYS A 281 3.61 22.51 2.96
N ASP A 282 3.35 22.91 1.72
CA ASP A 282 2.16 23.70 1.41
C ASP A 282 1.00 22.87 0.89
N LYS A 283 1.20 21.58 0.65
CA LYS A 283 0.18 20.71 0.08
C LYS A 283 -0.50 19.93 1.18
N LYS A 284 -1.79 20.20 1.38
CA LYS A 284 -2.58 19.56 2.43
C LYS A 284 -3.54 18.56 1.78
N LEU A 285 -3.42 17.29 2.17
CA LEU A 285 -4.31 16.24 1.68
C LEU A 285 -5.43 15.91 2.66
N LEU A 286 -5.17 15.99 3.96
CA LEU A 286 -6.15 15.63 4.97
C LEU A 286 -5.97 16.54 6.17
N GLY A 287 -7.05 16.70 6.93
CA GLY A 287 -6.95 17.39 8.21
C GLY A 287 -6.17 16.57 9.21
N ARG A 288 -5.55 17.26 10.18
CA ARG A 288 -4.74 16.56 11.17
C ARG A 288 -5.58 15.68 12.08
N LYS A 289 -6.85 16.04 12.30
CA LYS A 289 -7.73 15.20 13.10
C LYS A 289 -8.16 13.96 12.32
N THR A 290 -8.25 14.07 11.00
CA THR A 290 -8.56 12.89 10.18
C THR A 290 -7.43 11.88 10.21
N VAL A 291 -6.18 12.35 10.11
CA VAL A 291 -5.04 11.45 10.10
C VAL A 291 -4.89 10.77 11.45
N GLU A 292 -5.17 11.49 12.54
CA GLU A 292 -5.10 10.87 13.86
C GLU A 292 -6.06 9.70 13.98
N ALA A 293 -7.27 9.84 13.43
CA ALA A 293 -8.21 8.73 13.44
C ALA A 293 -7.74 7.59 12.56
N MET A 294 -7.08 7.91 11.44
CA MET A 294 -6.54 6.87 10.57
C MET A 294 -5.38 6.13 11.22
N LEU A 295 -4.65 6.79 12.10
CA LEU A 295 -3.44 6.23 12.68
C LEU A 295 -3.66 5.58 14.05
N ARG A 296 -4.87 5.67 14.60
CA ARG A 296 -5.17 4.97 15.84
C ARG A 296 -5.79 3.62 15.54
N ASN A 297 -5.62 2.69 16.48
CA ASN A 297 -6.08 1.32 16.26
C ASN A 297 -7.60 1.25 16.17
N GLN A 298 -8.11 0.57 15.16
CA GLN A 298 -9.53 0.46 14.92
C GLN A 298 -10.07 -0.94 15.14
N ILE A 299 -9.22 -1.91 15.45
CA ILE A 299 -9.62 -3.30 15.61
C ILE A 299 -10.04 -3.54 17.05
N LYS A 300 -11.19 -4.20 17.23
CA LYS A 300 -11.64 -4.54 18.57
C LYS A 300 -10.67 -5.54 19.19
N PRO A 301 -10.42 -5.44 20.50
CA PRO A 301 -9.47 -6.36 21.13
C PRO A 301 -9.98 -7.79 21.12
N GLY A 302 -9.02 -8.73 21.11
CA GLY A 302 -9.33 -10.14 21.15
C GLY A 302 -9.73 -10.76 19.83
N LEU A 303 -9.81 -9.99 18.75
CA LEU A 303 -10.18 -10.58 17.47
C LEU A 303 -9.00 -11.32 16.85
N PRO A 304 -9.24 -12.48 16.25
CA PRO A 304 -8.15 -13.20 15.59
C PRO A 304 -7.74 -12.52 14.29
N PHE A 305 -6.46 -12.67 13.95
CA PHE A 305 -5.88 -12.07 12.76
C PHE A 305 -5.46 -13.16 11.80
N TYR A 306 -5.85 -13.03 10.54
CA TYR A 306 -5.49 -13.96 9.48
C TYR A 306 -4.89 -13.21 8.32
N PHE A 307 -3.90 -13.83 7.66
CA PHE A 307 -3.27 -13.23 6.49
C PHE A 307 -2.91 -14.34 5.51
N PHE A 308 -3.53 -14.29 4.33
CA PHE A 308 -3.24 -15.23 3.24
C PHE A 308 -3.42 -16.68 3.69
N GLY A 309 -4.57 -16.95 4.32
CA GLY A 309 -4.93 -18.29 4.73
C GLY A 309 -4.21 -18.79 5.98
N ALA A 310 -3.35 -17.98 6.59
CA ALA A 310 -2.62 -18.37 7.77
C ALA A 310 -2.87 -17.37 8.90
N PRO A 311 -2.87 -17.83 10.15
CA PRO A 311 -3.05 -16.90 11.26
C PRO A 311 -1.86 -15.97 11.41
N ARG A 312 -2.15 -14.71 11.73
CA ARG A 312 -1.14 -13.68 11.90
C ARG A 312 -1.19 -13.16 13.34
N GLU A 313 -0.05 -12.66 13.81
CA GLU A 313 0.01 -12.08 15.14
C GLU A 313 -0.88 -10.84 15.20
N GLU A 314 -1.57 -10.68 16.33
CA GLU A 314 -2.47 -9.55 16.49
C GLU A 314 -1.68 -8.25 16.59
N GLY A 315 -2.22 -7.20 15.99
CA GLY A 315 -1.57 -5.91 15.99
C GLY A 315 -2.54 -4.82 15.58
N GLY A 316 -2.16 -3.59 15.88
CA GLY A 316 -3.03 -2.47 15.54
C GLY A 316 -3.19 -2.30 14.05
N PHE A 317 -4.38 -1.89 13.64
CA PHE A 317 -4.66 -1.53 12.26
C PHE A 317 -5.63 -0.36 12.26
N GLY A 318 -5.27 0.70 11.55
CA GLY A 318 -6.05 1.91 11.49
C GLY A 318 -7.06 1.93 10.36
N LEU A 319 -7.30 3.11 9.81
CA LEU A 319 -8.23 3.29 8.70
C LEU A 319 -7.45 3.17 7.39
N GLY A 320 -7.26 1.91 6.97
CA GLY A 320 -6.50 1.63 5.77
C GLY A 320 -4.99 1.70 5.94
N ILE A 321 -4.51 1.95 7.15
CA ILE A 321 -3.08 2.01 7.44
C ILE A 321 -2.77 0.94 8.48
N ASN A 322 -1.64 0.26 8.30
CA ASN A 322 -1.22 -0.79 9.21
C ASN A 322 -0.38 -0.20 10.34
N LEU A 323 -0.67 -0.62 11.57
CA LEU A 323 0.09 -0.23 12.74
C LEU A 323 0.95 -1.37 13.28
N TRP A 324 1.27 -2.34 12.43
CA TRP A 324 2.02 -3.53 12.80
C TRP A 324 2.85 -3.95 11.61
N PRO A 325 4.10 -4.43 11.81
CA PRO A 325 4.77 -4.65 13.10
C PRO A 325 5.27 -3.38 13.79
N ALA A 326 5.20 -3.37 15.11
CA ALA A 326 5.65 -2.27 15.95
C ALA A 326 5.61 -2.74 17.40
N GLY A 327 6.46 -2.16 18.23
CA GLY A 327 6.53 -2.59 19.61
C GLY A 327 6.99 -4.03 19.70
N ASP A 328 6.58 -4.70 20.77
CA ASP A 328 6.88 -6.11 21.03
C ASP A 328 8.40 -6.29 20.96
N HIS A 329 8.92 -7.28 20.24
CA HIS A 329 10.36 -7.44 20.09
C HIS A 329 10.93 -6.58 18.98
N TYR A 330 10.09 -5.95 18.16
CA TYR A 330 10.57 -5.11 17.07
C TYR A 330 11.20 -3.83 17.62
N PHE A 331 12.12 -3.28 16.84
CA PHE A 331 12.77 -2.03 17.21
C PHE A 331 11.92 -0.81 16.89
N MET A 332 10.96 -0.94 15.98
CA MET A 332 10.08 0.17 15.64
C MET A 332 9.22 0.53 16.84
N THR A 333 9.17 1.83 17.15
CA THR A 333 8.40 2.31 18.30
C THR A 333 6.93 1.96 18.15
N GLU A 334 6.27 1.75 19.29
CA GLU A 334 4.82 1.62 19.30
C GLU A 334 4.20 2.88 18.71
N GLY A 335 3.30 2.71 17.74
CA GLY A 335 2.74 3.81 17.00
C GLY A 335 3.28 3.94 15.59
N THR A 336 4.28 3.16 15.22
CA THR A 336 4.81 3.17 13.86
C THR A 336 3.76 2.63 12.91
N PHE A 337 3.34 3.47 11.95
CA PHE A 337 2.40 3.04 10.92
C PHE A 337 3.17 2.64 9.67
N SER A 338 2.53 1.79 8.87
CA SER A 338 3.23 1.17 7.74
C SER A 338 2.22 0.57 6.78
N HIS A 339 2.74 0.01 5.70
CA HIS A 339 2.03 -0.86 4.78
C HIS A 339 3.04 -1.49 3.83
N LEU A 340 2.77 -2.73 3.44
CA LEU A 340 3.63 -3.46 2.52
C LEU A 340 2.91 -3.65 1.19
N GLY A 341 3.72 -3.84 0.14
CA GLY A 341 3.17 -4.10 -1.17
C GLY A 341 3.96 -5.19 -1.89
N MET A 342 3.26 -6.06 -2.60
CA MET A 342 3.94 -7.09 -3.38
C MET A 342 4.81 -6.43 -4.44
N GLY A 343 5.97 -7.03 -4.70
CA GLY A 343 6.96 -6.37 -5.52
C GLY A 343 8.40 -6.81 -5.27
N TRP A 344 8.93 -6.59 -4.07
CA TRP A 344 8.19 -6.02 -2.95
C TRP A 344 8.60 -4.59 -2.64
N CYS A 345 7.81 -3.93 -1.80
CA CYS A 345 8.08 -2.57 -1.37
C CYS A 345 7.41 -2.34 -0.02
N GLY A 346 7.73 -1.22 0.60
CA GLY A 346 7.14 -0.89 1.87
C GLY A 346 7.49 0.51 2.31
N MET A 347 6.65 1.05 3.18
CA MET A 347 6.87 2.34 3.80
C MET A 347 6.65 2.21 5.30
N PHE A 348 7.60 2.72 6.08
CA PHE A 348 7.53 2.68 7.53
C PHE A 348 7.90 4.06 8.08
N SER A 349 7.05 4.59 8.96
CA SER A 349 7.28 5.91 9.53
C SER A 349 7.06 5.85 11.04
N ASP A 350 8.04 6.37 11.79
CA ASP A 350 8.01 6.36 13.25
C ASP A 350 7.76 7.77 13.76
N PRO A 351 6.53 8.10 14.16
CA PRO A 351 6.27 9.48 14.64
C PRO A 351 7.04 9.85 15.89
N ALA A 352 7.35 8.88 16.75
CA ALA A 352 8.11 9.17 17.97
C ALA A 352 9.54 9.57 17.67
N GLU A 353 10.09 9.17 16.52
CA GLU A 353 11.45 9.49 16.14
C GLU A 353 11.52 10.43 14.94
N ASP A 354 10.37 10.90 14.45
CA ASP A 354 10.31 11.71 13.23
C ASP A 354 11.02 11.00 12.08
N PHE A 355 10.96 9.67 12.08
CA PHE A 355 11.75 8.84 11.19
C PHE A 355 10.86 8.13 10.18
N THR A 356 11.29 8.12 8.92
CA THR A 356 10.56 7.48 7.84
C THR A 356 11.54 6.65 7.02
N TYR A 357 11.11 5.45 6.63
CA TYR A 357 11.94 4.56 5.82
C TYR A 357 11.07 3.91 4.75
N VAL A 358 11.47 4.06 3.50
CA VAL A 358 10.80 3.43 2.37
C VAL A 358 11.84 2.67 1.56
N PHE A 359 11.41 1.57 0.93
CA PHE A 359 12.35 0.71 0.23
C PHE A 359 11.69 0.03 -0.96
N PHE A 360 12.50 -0.26 -1.97
CA PHE A 360 12.13 -1.11 -3.09
C PHE A 360 13.02 -2.34 -3.07
N THR A 361 12.41 -3.51 -2.96
CA THR A 361 13.12 -4.79 -3.02
C THR A 361 12.44 -5.66 -4.06
N PRO A 362 12.71 -5.44 -5.35
CA PRO A 362 12.08 -6.24 -6.40
C PRO A 362 12.46 -7.71 -6.29
N ILE A 363 11.43 -8.55 -6.13
CA ILE A 363 11.63 -9.98 -5.90
C ILE A 363 10.32 -10.68 -6.20
N SER A 364 10.41 -11.89 -6.75
CA SER A 364 9.22 -12.63 -7.17
C SER A 364 8.62 -13.49 -6.07
N GLU A 365 9.36 -13.77 -5.00
CA GLU A 365 8.84 -14.44 -3.83
C GLU A 365 9.04 -13.55 -2.60
N PHE A 366 8.19 -13.73 -1.60
CA PHE A 366 8.40 -13.05 -0.34
C PHE A 366 9.49 -13.77 0.45
N HIS A 367 10.50 -13.03 0.87
CA HIS A 367 11.54 -13.55 1.74
C HIS A 367 11.75 -12.54 2.86
N PRO A 368 11.43 -12.90 4.11
CA PRO A 368 11.52 -11.92 5.20
C PRO A 368 12.92 -11.36 5.41
N HIS A 369 13.96 -12.09 5.01
CA HIS A 369 15.32 -11.57 5.11
C HIS A 369 15.55 -10.36 4.21
N ALA A 370 14.76 -10.21 3.15
CA ALA A 370 14.90 -9.08 2.25
C ALA A 370 13.88 -7.98 2.49
N VAL A 371 12.73 -8.30 3.08
CA VAL A 371 11.65 -7.34 3.26
C VAL A 371 11.58 -6.83 4.69
N LEU A 372 11.66 -7.72 5.67
CA LEU A 372 11.44 -7.36 7.07
C LEU A 372 12.74 -7.23 7.86
N THR A 373 13.75 -8.06 7.58
CA THR A 373 14.99 -7.99 8.33
C THR A 373 15.69 -6.64 8.25
N PRO A 374 15.76 -5.96 7.10
CA PRO A 374 16.39 -4.62 7.09
C PRO A 374 15.76 -3.62 8.03
N LEU A 375 14.50 -3.85 8.46
CA LEU A 375 13.89 -2.94 9.43
C LEU A 375 14.63 -2.99 10.77
N ASN A 376 15.17 -4.16 11.14
CA ASN A 376 15.99 -4.25 12.34
C ASN A 376 17.29 -3.47 12.18
N ILE A 377 17.90 -3.56 11.00
CA ILE A 377 19.15 -2.86 10.75
C ILE A 377 18.94 -1.35 10.76
N VAL A 378 17.84 -0.89 10.17
CA VAL A 378 17.61 0.54 10.02
C VAL A 378 17.31 1.17 11.39
N TRP A 379 16.37 0.59 12.13
CA TRP A 379 15.99 1.17 13.42
C TRP A 379 17.07 1.05 14.46
N ALA A 380 18.01 0.10 14.31
CA ALA A 380 19.13 -0.01 15.23
C ALA A 380 20.11 1.15 15.09
N GLY A 381 20.00 1.95 14.04
CA GLY A 381 20.92 3.06 13.84
C GLY A 381 20.37 4.39 14.32
N ILE A 382 19.12 4.42 14.75
CA ILE A 382 18.51 5.65 15.22
C ILE A 382 19.10 6.02 16.58
N GLU A 383 19.59 7.25 16.70
CA GLU A 383 20.14 7.77 17.93
C GLU A 383 19.25 8.88 18.47
N LEU A 384 19.65 9.45 19.60
CA LEU A 384 18.84 10.46 20.27
C LEU A 384 18.76 11.72 19.42
N GLU A 385 17.53 12.11 19.07
CA GLU A 385 17.30 13.29 18.25
C GLU A 385 17.71 14.56 18.99
C02 D9F B . -0.09 -7.27 6.36
C03 D9F B . -1.04 -6.49 5.44
C04 D9F B . -0.86 -6.31 4.15
C05 D9F B . 0.37 -6.81 3.39
C06 D9F B . 0.38 -6.78 2.06
C07 D9F B . 1.61 -7.27 1.30
C08 D9F B . 1.20 -7.81 -0.06
C10 D9F B . 0.32 -9.04 0.11
C11 D9F B . 0.76 -10.21 -0.27
C12 D9F B . -0.09 -11.47 -0.11
C13 D9F B . 0.36 -12.62 -0.58
C14 D9F B . 1.72 -12.65 -1.28
C15 D9F B . 2.80 -13.29 -0.39
C17 D9F B . 2.16 -14.00 0.81
C18 D9F B . 3.20 -14.71 1.69
C20 D9F B . 2.67 -14.82 3.12
C21 D9F B . 2.87 -14.00 4.15
C22 D9F B . 3.69 -12.70 4.16
C23 D9F B . 3.81 -12.10 5.33
C24 D9F B . 4.59 -10.80 5.52
C25 D9F B . 3.89 -9.92 6.55
C26 D9F B . 2.79 -9.09 5.90
C27 D9F B . 1.99 -8.24 6.89
C28 D9F B . 2.94 -7.58 7.90
O01 D9F B . -0.55 -7.88 7.27
O09 D9F B . 0.50 -6.83 -0.77
O16 D9F B . 3.54 -14.19 -1.15
O19 D9F B . 4.43 -14.03 1.63
O29 D9F B . 1.31 -7.24 6.19
#